data_7MO5
#
_entry.id   7MO5
#
_cell.length_a   59.780
_cell.length_b   80.110
_cell.length_c   54.480
_cell.angle_alpha   90.000
_cell.angle_beta   90.000
_cell.angle_gamma   90.000
#
_symmetry.space_group_name_H-M   'P 21 21 2'
#
loop_
_entity.id
_entity.type
_entity.pdbx_description
1 polymer 'GTP-binding nuclear protein Ran'
2 polymer 'Nuclear pore complex protein Nup153'
3 non-polymer "GUANOSINE-5'-DIPHOSPHATE"
4 non-polymer 'MAGNESIUM ION'
5 non-polymer 'ZINC ION'
6 water water
#
loop_
_entity_poly.entity_id
_entity_poly.type
_entity_poly.pdbx_seq_one_letter_code
_entity_poly.pdbx_strand_id
1 'polypeptide(L)'
;SMAAQGEPQVQFKLVLVGDGGTGKTTFVKRHLTGESEKKYVATLGVEVHPLVFHTNRGPIKFNVWDTAGQEKFGGLRDGY
YIQAQCAIIMFDVTSRVTYKNVPNWHRDLVRVCENIPIVLCGNKVDIKDRKVKAKSIVFHRKKNLQYYDISAKSNYNFEK
PFLWLARKLIGDPNLEFVAMPALAPPEVVMDPALAAQYEHDLEVAQTTALPDEDDDL
;
A
2 'polypeptide(L)' GPLGSLGLDKFKKPEGSWDCEVCLVQNKADSTKCIACESAKP B
#
# COMPACT_ATOMS: atom_id res chain seq x y z
N PRO A 8 -19.02 10.53 8.31
CA PRO A 8 -18.60 9.71 7.15
C PRO A 8 -17.14 9.90 6.78
N GLN A 9 -16.34 8.83 6.89
CA GLN A 9 -14.91 8.92 6.71
C GLN A 9 -14.53 8.65 5.25
N VAL A 10 -13.55 9.41 4.75
CA VAL A 10 -12.92 9.08 3.49
C VAL A 10 -12.01 7.89 3.70
N GLN A 11 -12.26 6.80 2.99
CA GLN A 11 -11.38 5.64 3.12
C GLN A 11 -11.24 4.95 1.76
N PHE A 12 -10.11 4.25 1.65
CA PHE A 12 -9.76 3.53 0.43
C PHE A 12 -9.29 2.14 0.77
N LYS A 13 -9.72 1.15 -0.01
CA LYS A 13 -9.12 -0.18 0.11
C LYS A 13 -7.82 -0.22 -0.68
N LEU A 14 -6.72 -0.57 0.00
CA LEU A 14 -5.39 -0.63 -0.57
C LEU A 14 -4.96 -2.09 -0.48
N VAL A 15 -4.61 -2.69 -1.62
CA VAL A 15 -4.08 -4.06 -1.57
C VAL A 15 -2.57 -3.99 -1.62
N LEU A 16 -1.93 -4.76 -0.74
CA LEU A 16 -0.49 -4.78 -0.58
C LEU A 16 -0.05 -6.16 -1.04
N VAL A 17 0.64 -6.24 -2.18
CA VAL A 17 0.95 -7.51 -2.81
C VAL A 17 2.44 -7.52 -3.11
N GLY A 18 2.91 -8.70 -3.44
CA GLY A 18 4.32 -8.95 -3.67
C GLY A 18 4.70 -10.32 -3.11
N ASP A 19 5.88 -10.81 -3.50
CA ASP A 19 6.28 -12.15 -3.12
C ASP A 19 6.33 -12.31 -1.60
N GLY A 20 6.13 -13.55 -1.17
CA GLY A 20 6.37 -13.84 0.24
C GLY A 20 7.78 -13.46 0.64
N GLY A 21 7.92 -12.91 1.84
CA GLY A 21 9.21 -12.60 2.41
C GLY A 21 9.73 -11.21 2.03
N THR A 22 8.96 -10.44 1.29
CA THR A 22 9.45 -9.12 0.85
C THR A 22 9.31 -8.07 1.93
N GLY A 23 8.52 -8.34 2.97
CA GLY A 23 8.32 -7.41 4.08
C GLY A 23 6.98 -6.75 4.16
N LYS A 24 5.95 -7.30 3.49
CA LYS A 24 4.64 -6.65 3.44
C LYS A 24 4.04 -6.52 4.84
N THR A 25 4.08 -7.59 5.62
CA THR A 25 3.50 -7.56 6.95
C THR A 25 4.29 -6.61 7.86
N THR A 26 5.61 -6.71 7.80
CA THR A 26 6.47 -5.81 8.58
C THR A 26 6.15 -4.36 8.24
N PHE A 27 5.96 -4.06 6.96
CA PHE A 27 5.69 -2.70 6.53
C PHE A 27 4.36 -2.20 7.07
N VAL A 28 3.29 -2.96 6.85
CA VAL A 28 1.98 -2.42 7.25
C VAL A 28 1.94 -2.25 8.77
N LYS A 29 2.62 -3.12 9.51
CA LYS A 29 2.57 -3.10 10.98
C LYS A 29 3.28 -1.87 11.56
N ARG A 30 4.00 -1.08 10.76
CA ARG A 30 4.70 0.03 11.39
C ARG A 30 3.69 1.04 11.97
N HIS A 31 2.53 1.15 11.34
CA HIS A 31 1.51 2.10 11.77
C HIS A 31 0.78 1.54 12.98
N LEU A 32 1.07 2.14 14.16
CA LEU A 32 0.66 1.54 15.40
C LEU A 32 -0.84 1.45 15.58
N THR A 33 -1.58 2.48 15.19
CA THR A 33 -3.02 2.39 15.36
C THR A 33 -3.63 1.45 14.35
N GLY A 34 -3.05 1.40 13.16
CA GLY A 34 -3.50 0.41 12.19
C GLY A 34 -3.34 -0.99 12.67
N GLU A 35 -2.31 -1.26 13.48
CA GLU A 35 -2.13 -2.59 14.06
C GLU A 35 -3.09 -2.84 15.21
N SER A 36 -3.30 -1.87 16.09
CA SER A 36 -4.19 -2.09 17.22
C SER A 36 -5.64 -2.20 16.77
N GLU A 37 -5.98 -1.61 15.63
CA GLU A 37 -7.36 -1.63 15.14
C GLU A 37 -7.55 -2.57 13.97
N LYS A 38 -6.60 -3.44 13.71
CA LYS A 38 -6.72 -4.32 12.55
C LYS A 38 -7.89 -5.29 12.70
N LYS A 39 -8.39 -5.72 11.55
CA LYS A 39 -9.53 -6.59 11.46
C LYS A 39 -9.15 -7.86 10.73
N TYR A 40 -9.44 -9.01 11.31
CA TYR A 40 -9.13 -10.27 10.66
C TYR A 40 -10.34 -10.74 9.89
N VAL A 41 -10.11 -11.12 8.63
CA VAL A 41 -11.18 -11.54 7.73
C VAL A 41 -10.98 -13.02 7.48
N ALA A 42 -11.75 -13.84 8.19
CA ALA A 42 -11.48 -15.27 8.20
C ALA A 42 -11.77 -15.89 6.84
N THR A 43 -12.83 -15.46 6.18
CA THR A 43 -13.20 -16.08 4.91
C THR A 43 -12.12 -15.93 3.86
N LEU A 44 -11.27 -14.91 3.95
CA LEU A 44 -10.26 -14.66 2.95
C LEU A 44 -8.82 -14.77 3.43
N GLY A 45 -8.60 -14.97 4.73
CA GLY A 45 -7.25 -15.01 5.24
C GLY A 45 -6.50 -13.70 5.09
N VAL A 46 -7.11 -12.62 5.56
CA VAL A 46 -6.57 -11.27 5.39
C VAL A 46 -6.65 -10.55 6.72
N GLU A 47 -5.68 -9.71 7.00
CA GLU A 47 -5.76 -8.75 8.07
C GLU A 47 -5.86 -7.39 7.42
N VAL A 48 -6.96 -6.68 7.69
CA VAL A 48 -7.14 -5.35 7.14
C VAL A 48 -6.70 -4.35 8.23
N HIS A 49 -5.73 -3.51 7.91
CA HIS A 49 -5.17 -2.51 8.83
C HIS A 49 -5.72 -1.16 8.45
N PRO A 50 -6.45 -0.48 9.34
CA PRO A 50 -6.98 0.86 8.99
C PRO A 50 -5.98 1.93 9.33
N LEU A 51 -5.32 2.48 8.33
CA LEU A 51 -4.21 3.42 8.51
C LEU A 51 -4.69 4.84 8.26
N VAL A 52 -4.82 5.64 9.31
N VAL A 52 -4.85 5.62 9.31
CA VAL A 52 -5.22 7.03 9.19
CA VAL A 52 -5.21 7.03 9.15
C VAL A 52 -4.00 7.89 8.94
C VAL A 52 -3.97 7.87 8.89
N PHE A 53 -4.11 8.80 7.95
CA PHE A 53 -3.13 9.85 7.71
C PHE A 53 -3.88 11.17 7.75
N HIS A 54 -3.30 12.16 8.40
CA HIS A 54 -3.94 13.47 8.52
C HIS A 54 -3.40 14.42 7.46
N THR A 55 -4.28 14.81 6.56
CA THR A 55 -3.87 15.67 5.44
C THR A 55 -4.28 17.10 5.75
N ASN A 56 -3.79 18.02 4.91
CA ASN A 56 -4.19 19.40 5.06
C ASN A 56 -5.66 19.60 4.73
N ARG A 57 -6.35 18.59 4.18
CA ARG A 57 -7.78 18.68 3.93
C ARG A 57 -8.57 17.73 4.84
N GLY A 58 -7.95 17.20 5.87
CA GLY A 58 -8.63 16.29 6.76
C GLY A 58 -8.06 14.89 6.74
N PRO A 59 -8.63 14.02 7.55
CA PRO A 59 -8.12 12.65 7.66
C PRO A 59 -8.49 11.81 6.46
N ILE A 60 -7.59 10.94 6.05
CA ILE A 60 -7.91 9.87 5.10
C ILE A 60 -7.44 8.55 5.69
N LYS A 61 -8.15 7.48 5.35
N LYS A 61 -8.14 7.48 5.34
CA LYS A 61 -7.85 6.18 5.89
CA LYS A 61 -7.86 6.17 5.91
C LYS A 61 -7.53 5.27 4.72
C LYS A 61 -7.58 5.21 4.77
N PHE A 62 -6.39 4.61 4.77
CA PHE A 62 -6.08 3.53 3.85
C PHE A 62 -6.32 2.23 4.61
N ASN A 63 -7.27 1.44 4.14
CA ASN A 63 -7.57 0.13 4.73
C ASN A 63 -6.70 -0.85 3.98
N VAL A 64 -5.57 -1.22 4.57
CA VAL A 64 -4.57 -1.98 3.88
C VAL A 64 -4.81 -3.48 4.10
N TRP A 65 -4.96 -4.23 3.02
CA TRP A 65 -5.17 -5.68 3.02
C TRP A 65 -3.85 -6.42 3.02
N ASP A 66 -3.53 -7.03 4.16
CA ASP A 66 -2.30 -7.83 4.27
C ASP A 66 -2.66 -9.30 4.28
N THR A 67 -1.97 -10.05 3.44
CA THR A 67 -2.24 -11.47 3.35
C THR A 67 -1.81 -12.18 4.64
N ALA A 68 -2.22 -13.44 4.72
CA ALA A 68 -1.78 -14.39 5.73
C ALA A 68 -0.80 -15.41 5.14
N GLY A 69 -0.01 -14.96 4.18
CA GLY A 69 1.05 -15.79 3.61
C GLY A 69 0.67 -16.59 2.38
N GLN A 70 -0.59 -16.56 1.95
CA GLN A 70 -1.01 -17.46 0.88
C GLN A 70 -0.32 -17.17 -0.46
N GLU A 71 0.26 -15.99 -0.62
CA GLU A 71 0.94 -15.67 -1.86
C GLU A 71 2.11 -16.59 -2.12
N LYS A 72 2.59 -17.29 -1.09
CA LYS A 72 3.68 -18.25 -1.29
C LYS A 72 3.26 -19.43 -2.13
N PHE A 73 1.97 -19.75 -2.17
CA PHE A 73 1.51 -21.03 -2.69
C PHE A 73 0.72 -20.89 -3.97
N GLY A 74 0.35 -19.69 -4.35
CA GLY A 74 -0.42 -19.48 -5.55
C GLY A 74 -0.97 -18.07 -5.59
N GLY A 75 -1.76 -17.81 -6.61
CA GLY A 75 -2.41 -16.52 -6.72
C GLY A 75 -3.41 -16.31 -5.60
N LEU A 76 -3.69 -15.03 -5.33
CA LEU A 76 -4.71 -14.68 -4.36
C LEU A 76 -6.09 -14.76 -5.00
N ARG A 77 -7.08 -15.07 -4.18
CA ARG A 77 -8.45 -15.20 -4.67
C ARG A 77 -9.03 -13.83 -5.05
N ASP A 78 -10.08 -13.88 -5.88
CA ASP A 78 -10.68 -12.66 -6.38
C ASP A 78 -11.16 -11.77 -5.27
N GLY A 79 -11.75 -12.34 -4.23
CA GLY A 79 -12.23 -11.52 -3.13
C GLY A 79 -11.16 -10.62 -2.54
N TYR A 80 -9.92 -11.09 -2.56
CA TYR A 80 -8.84 -10.26 -2.04
C TYR A 80 -8.77 -8.94 -2.79
N TYR A 81 -8.86 -9.00 -4.09
CA TYR A 81 -8.69 -7.82 -4.94
C TYR A 81 -9.97 -6.98 -5.10
N ILE A 82 -11.13 -7.58 -4.82
N ILE A 82 -11.13 -7.58 -4.88
CA ILE A 82 -12.40 -6.93 -5.15
CA ILE A 82 -12.35 -6.90 -5.34
C ILE A 82 -12.47 -5.56 -4.50
C ILE A 82 -12.54 -5.61 -4.55
N GLN A 83 -12.91 -4.55 -5.28
CA GLN A 83 -13.13 -3.22 -4.77
C GLN A 83 -11.85 -2.54 -4.31
N ALA A 84 -10.68 -3.08 -4.68
CA ALA A 84 -9.48 -2.33 -4.40
C ALA A 84 -9.50 -1.00 -5.15
N GLN A 85 -9.07 0.04 -4.47
CA GLN A 85 -9.00 1.37 -5.05
C GLN A 85 -7.57 1.83 -5.29
N CYS A 86 -6.58 1.10 -4.79
CA CYS A 86 -5.18 1.42 -4.97
C CYS A 86 -4.36 0.23 -4.46
N ALA A 87 -3.07 0.26 -4.79
CA ALA A 87 -2.23 -0.86 -4.44
C ALA A 87 -0.78 -0.43 -4.23
N ILE A 88 -0.09 -1.23 -3.44
CA ILE A 88 1.36 -1.21 -3.36
C ILE A 88 1.87 -2.59 -3.79
N ILE A 89 2.82 -2.62 -4.73
CA ILE A 89 3.49 -3.86 -5.09
C ILE A 89 4.86 -3.77 -4.39
N MET A 90 5.18 -4.75 -3.59
CA MET A 90 6.46 -4.77 -2.89
C MET A 90 7.40 -5.84 -3.43
N PHE A 91 8.67 -5.49 -3.49
CA PHE A 91 9.73 -6.48 -3.67
C PHE A 91 10.84 -6.15 -2.68
N ASP A 92 11.82 -7.05 -2.64
CA ASP A 92 12.96 -7.02 -1.69
C ASP A 92 14.19 -6.71 -2.51
N VAL A 93 14.85 -5.59 -2.23
CA VAL A 93 16.02 -5.20 -3.04
C VAL A 93 17.20 -6.13 -2.83
N THR A 94 17.13 -7.07 -1.88
CA THR A 94 18.18 -8.08 -1.76
C THR A 94 17.85 -9.38 -2.50
N SER A 95 16.70 -9.47 -3.16
CA SER A 95 16.31 -10.68 -3.89
C SER A 95 15.85 -10.31 -5.29
N ARG A 96 16.69 -10.59 -6.30
CA ARG A 96 16.30 -10.25 -7.66
C ARG A 96 15.06 -11.01 -8.10
N VAL A 97 14.85 -12.24 -7.60
CA VAL A 97 13.67 -13.01 -7.96
C VAL A 97 12.40 -12.21 -7.64
N THR A 98 12.36 -11.53 -6.48
CA THR A 98 11.14 -10.80 -6.13
C THR A 98 10.91 -9.63 -7.07
N TYR A 99 11.97 -9.02 -7.61
CA TYR A 99 11.77 -7.95 -8.58
C TYR A 99 11.35 -8.55 -9.91
N LYS A 100 11.90 -9.71 -10.29
CA LYS A 100 11.48 -10.37 -11.51
C LYS A 100 10.02 -10.76 -11.51
N ASN A 101 9.40 -10.92 -10.36
CA ASN A 101 7.99 -11.26 -10.28
C ASN A 101 7.08 -10.05 -10.22
N VAL A 102 7.63 -8.85 -10.16
CA VAL A 102 6.79 -7.65 -10.12
C VAL A 102 5.84 -7.58 -11.31
N PRO A 103 6.27 -7.83 -12.55
CA PRO A 103 5.30 -7.79 -13.67
C PRO A 103 4.14 -8.77 -13.50
N ASN A 104 4.36 -9.91 -12.84
CA ASN A 104 3.27 -10.84 -12.61
C ASN A 104 2.27 -10.28 -11.61
N TRP A 105 2.74 -9.62 -10.56
CA TRP A 105 1.83 -8.99 -9.61
C TRP A 105 1.05 -7.88 -10.28
N HIS A 106 1.73 -7.07 -11.10
CA HIS A 106 1.05 -5.97 -11.79
C HIS A 106 -0.03 -6.51 -12.71
N ARG A 107 0.29 -7.56 -13.47
CA ARG A 107 -0.67 -8.25 -14.31
C ARG A 107 -1.89 -8.70 -13.52
N ASP A 108 -1.69 -9.35 -12.38
CA ASP A 108 -2.82 -9.85 -11.61
C ASP A 108 -3.70 -8.69 -11.10
N LEU A 109 -3.05 -7.60 -10.67
CA LEU A 109 -3.80 -6.42 -10.23
C LEU A 109 -4.65 -5.84 -11.35
N VAL A 110 -4.03 -5.51 -12.48
CA VAL A 110 -4.76 -4.84 -13.55
C VAL A 110 -5.86 -5.73 -14.11
N ARG A 111 -5.71 -7.04 -14.02
CA ARG A 111 -6.74 -7.92 -14.55
C ARG A 111 -8.04 -7.77 -13.77
N VAL A 112 -7.95 -7.63 -12.44
CA VAL A 112 -9.13 -7.53 -11.61
C VAL A 112 -9.53 -6.08 -11.35
N CYS A 113 -8.56 -5.18 -11.28
CA CYS A 113 -8.82 -3.81 -10.85
C CYS A 113 -8.59 -2.73 -11.91
N GLU A 114 -8.14 -3.08 -13.12
CA GLU A 114 -7.87 -2.11 -14.21
C GLU A 114 -6.91 -1.02 -13.72
N ASN A 115 -7.17 0.27 -14.00
CA ASN A 115 -6.16 1.33 -13.89
C ASN A 115 -6.13 1.98 -12.53
N ILE A 116 -6.30 1.23 -11.44
CA ILE A 116 -6.18 1.87 -10.13
C ILE A 116 -4.75 2.38 -9.96
N PRO A 117 -4.54 3.39 -9.13
CA PRO A 117 -3.15 3.84 -8.88
C PRO A 117 -2.36 2.82 -8.11
N ILE A 118 -1.11 2.59 -8.54
CA ILE A 118 -0.24 1.60 -7.94
C ILE A 118 1.11 2.24 -7.67
N VAL A 119 1.70 1.91 -6.53
CA VAL A 119 3.06 2.33 -6.19
C VAL A 119 3.90 1.08 -6.05
N LEU A 120 5.11 1.14 -6.61
CA LEU A 120 6.08 0.06 -6.52
C LEU A 120 7.09 0.40 -5.43
N CYS A 121 7.29 -0.51 -4.48
CA CYS A 121 8.18 -0.27 -3.36
C CYS A 121 9.26 -1.35 -3.29
N GLY A 122 10.51 -0.93 -3.29
CA GLY A 122 11.64 -1.80 -3.06
C GLY A 122 12.03 -1.74 -1.61
N ASN A 123 11.75 -2.81 -0.86
CA ASN A 123 11.96 -2.83 0.57
C ASN A 123 13.36 -3.38 0.93
N LYS A 124 13.71 -3.19 2.21
CA LYS A 124 14.94 -3.67 2.86
C LYS A 124 16.17 -2.90 2.40
N VAL A 125 16.02 -1.61 2.09
CA VAL A 125 17.19 -0.85 1.64
C VAL A 125 18.15 -0.55 2.78
N ASP A 126 17.78 -0.86 4.02
CA ASP A 126 18.73 -0.75 5.13
C ASP A 126 19.88 -1.73 5.01
N ILE A 127 19.70 -2.82 4.26
CA ILE A 127 20.71 -3.87 4.16
C ILE A 127 21.81 -3.42 3.20
N LYS A 128 23.07 -3.55 3.63
CA LYS A 128 24.17 -2.98 2.84
C LYS A 128 24.35 -3.71 1.51
N ASP A 129 24.24 -5.04 1.50
CA ASP A 129 24.50 -5.83 0.30
C ASP A 129 23.27 -5.83 -0.60
N ARG A 130 23.04 -4.69 -1.24
CA ARG A 130 21.87 -4.49 -2.07
C ARG A 130 22.10 -5.04 -3.48
N LYS A 131 21.09 -5.73 -4.00
CA LYS A 131 21.19 -6.42 -5.29
C LYS A 131 20.42 -5.74 -6.40
N VAL A 132 19.24 -5.20 -6.11
CA VAL A 132 18.42 -4.51 -7.10
C VAL A 132 18.61 -3.01 -6.88
N LYS A 133 19.48 -2.40 -7.70
CA LYS A 133 19.81 -0.99 -7.53
C LYS A 133 18.96 -0.12 -8.46
N ALA A 134 19.02 1.18 -8.19
CA ALA A 134 18.19 2.16 -8.90
C ALA A 134 18.29 2.03 -10.41
N LYS A 135 19.50 1.83 -10.94
CA LYS A 135 19.61 1.81 -12.39
C LYS A 135 18.79 0.67 -13.00
N SER A 136 18.62 -0.42 -12.27
CA SER A 136 17.89 -1.57 -12.76
C SER A 136 16.37 -1.47 -12.56
N ILE A 137 15.91 -0.55 -11.71
CA ILE A 137 14.50 -0.44 -11.37
C ILE A 137 13.82 0.41 -12.43
N VAL A 138 13.19 -0.25 -13.40
CA VAL A 138 12.69 0.43 -14.60
C VAL A 138 11.23 0.08 -14.88
N PHE A 139 10.71 -0.96 -14.21
CA PHE A 139 9.32 -1.37 -14.45
C PHE A 139 8.36 -0.19 -14.30
N HIS A 140 8.59 0.65 -13.29
CA HIS A 140 7.67 1.76 -13.04
C HIS A 140 7.67 2.78 -14.18
N ARG A 141 8.80 2.93 -14.88
CA ARG A 141 8.89 3.95 -15.92
C ARG A 141 7.92 3.67 -17.05
N LYS A 142 7.75 2.40 -17.41
CA LYS A 142 6.99 2.03 -18.59
C LYS A 142 5.50 1.83 -18.31
N LYS A 143 5.04 2.01 -17.06
CA LYS A 143 3.67 1.66 -16.72
C LYS A 143 2.93 2.71 -15.92
N ASN A 144 3.45 3.93 -15.82
CA ASN A 144 2.79 4.98 -15.05
C ASN A 144 2.79 4.69 -13.56
N LEU A 145 3.78 3.93 -13.09
CA LEU A 145 3.89 3.60 -11.68
C LEU A 145 4.91 4.53 -11.03
N GLN A 146 4.65 4.87 -9.78
CA GLN A 146 5.61 5.61 -8.97
C GLN A 146 6.44 4.59 -8.22
N TYR A 147 7.74 4.88 -8.07
CA TYR A 147 8.65 3.98 -7.33
C TYR A 147 9.19 4.69 -6.08
N TYR A 148 9.27 3.94 -4.95
CA TYR A 148 10.05 4.38 -3.79
C TYR A 148 10.90 3.25 -3.24
N ASP A 149 12.13 3.59 -2.86
CA ASP A 149 12.88 2.82 -1.88
C ASP A 149 12.22 2.91 -0.53
N ILE A 150 12.11 1.78 0.18
CA ILE A 150 11.62 1.79 1.56
C ILE A 150 12.44 0.84 2.43
N SER A 151 12.44 1.11 3.74
CA SER A 151 12.91 0.13 4.72
C SER A 151 11.85 0.06 5.79
N ALA A 152 11.06 -0.99 5.76
CA ALA A 152 10.03 -1.20 6.76
C ALA A 152 10.60 -1.16 8.20
N LYS A 153 11.77 -1.81 8.40
CA LYS A 153 12.27 -1.97 9.75
C LYS A 153 12.81 -0.68 10.34
N SER A 154 13.10 0.33 9.47
CA SER A 154 13.62 1.59 9.98
C SER A 154 12.62 2.75 9.77
N ASN A 155 11.43 2.48 9.26
CA ASN A 155 10.43 3.45 8.85
C ASN A 155 10.88 4.36 7.69
N TYR A 156 11.94 4.00 6.99
CA TYR A 156 12.46 4.88 5.94
C TYR A 156 11.45 4.98 4.81
N ASN A 157 11.05 6.20 4.49
CA ASN A 157 10.13 6.54 3.42
C ASN A 157 8.73 5.97 3.63
N PHE A 158 8.36 5.61 4.87
CA PHE A 158 7.08 4.96 5.13
C PHE A 158 5.91 5.71 4.48
N GLU A 159 5.86 7.02 4.64
CA GLU A 159 4.71 7.77 4.23
C GLU A 159 4.63 8.00 2.72
N LYS A 160 5.70 7.79 2.00
CA LYS A 160 5.75 8.25 0.62
C LYS A 160 4.74 7.53 -0.27
N PRO A 161 4.59 6.22 -0.19
CA PRO A 161 3.61 5.58 -1.09
C PRO A 161 2.21 6.08 -0.82
N PHE A 162 1.91 6.28 0.45
CA PHE A 162 0.55 6.68 0.82
C PHE A 162 0.25 8.11 0.38
N LEU A 163 1.23 9.02 0.50
CA LEU A 163 0.99 10.37 0.02
C LEU A 163 0.77 10.40 -1.49
N TRP A 164 1.58 9.64 -2.25
CA TRP A 164 1.42 9.66 -3.69
C TRP A 164 0.06 9.13 -4.08
N LEU A 165 -0.33 8.00 -3.45
CA LEU A 165 -1.67 7.46 -3.74
C LEU A 165 -2.76 8.43 -3.36
N ALA A 166 -2.63 9.07 -2.21
CA ALA A 166 -3.69 10.00 -1.78
C ALA A 166 -3.86 11.12 -2.78
N ARG A 167 -2.74 11.65 -3.25
CA ARG A 167 -2.84 12.70 -4.27
C ARG A 167 -3.58 12.22 -5.52
N LYS A 168 -3.27 11.04 -6.00
CA LYS A 168 -3.94 10.52 -7.19
C LYS A 168 -5.42 10.28 -6.95
N LEU A 169 -5.75 9.69 -5.80
CA LEU A 169 -7.13 9.30 -5.52
C LEU A 169 -8.02 10.49 -5.35
N ILE A 170 -7.52 11.51 -4.64
CA ILE A 170 -8.30 12.73 -4.44
C ILE A 170 -8.24 13.65 -5.63
N GLY A 171 -7.20 13.54 -6.44
CA GLY A 171 -7.02 14.43 -7.55
C GLY A 171 -6.50 15.78 -7.12
N ASP A 172 -5.63 15.82 -6.11
CA ASP A 172 -5.09 17.09 -5.58
C ASP A 172 -3.59 16.96 -5.50
N PRO A 173 -2.86 17.47 -6.49
CA PRO A 173 -1.41 17.30 -6.49
C PRO A 173 -0.71 18.02 -5.36
N ASN A 174 -1.41 18.93 -4.68
CA ASN A 174 -0.84 19.71 -3.59
C ASN A 174 -1.24 19.17 -2.20
N LEU A 175 -1.89 18.03 -2.15
CA LEU A 175 -2.23 17.43 -0.85
C LEU A 175 -0.95 17.18 -0.07
N GLU A 176 -0.99 17.44 1.25
CA GLU A 176 0.15 17.16 2.13
C GLU A 176 -0.35 16.42 3.38
N PHE A 177 0.57 15.69 4.02
CA PHE A 177 0.33 15.12 5.35
C PHE A 177 0.82 16.14 6.38
N VAL A 178 -0.06 16.56 7.30
CA VAL A 178 0.35 17.63 8.23
C VAL A 178 1.17 17.08 9.38
N ALA A 179 1.13 15.79 9.62
CA ALA A 179 1.94 15.15 10.63
C ALA A 179 2.13 13.69 10.26
N MET A 180 3.24 13.11 10.72
N MET A 180 3.21 13.12 10.74
CA MET A 180 3.44 11.69 10.49
CA MET A 180 3.44 11.70 10.51
C MET A 180 2.56 10.88 11.46
C MET A 180 2.59 10.87 11.47
N PRO A 181 2.09 9.73 11.02
CA PRO A 181 1.42 8.83 11.95
C PRO A 181 2.38 8.33 12.99
N ALA A 182 1.84 7.88 14.12
CA ALA A 182 2.67 7.24 15.16
C ALA A 182 3.14 5.89 14.65
N LEU A 183 4.46 5.73 14.54
CA LEU A 183 5.03 4.51 14.01
C LEU A 183 5.87 3.80 15.07
N ALA A 184 5.91 2.47 14.94
CA ALA A 184 6.76 1.65 15.79
C ALA A 184 8.19 2.13 15.69
N PRO A 185 8.93 2.25 16.80
CA PRO A 185 10.28 2.77 16.73
C PRO A 185 11.15 1.92 15.81
N PRO A 186 12.03 2.54 15.06
CA PRO A 186 12.91 1.78 14.17
C PRO A 186 13.59 0.64 14.91
N GLU A 187 13.63 -0.53 14.26
CA GLU A 187 14.31 -1.68 14.80
C GLU A 187 15.74 -1.80 14.30
N VAL A 188 16.03 -1.22 13.15
CA VAL A 188 17.38 -1.15 12.62
C VAL A 188 17.62 0.29 12.23
N VAL A 189 18.90 0.64 12.17
CA VAL A 189 19.30 1.96 11.70
C VAL A 189 19.32 1.98 10.19
N MET A 190 18.74 3.02 9.62
CA MET A 190 18.93 3.32 8.21
C MET A 190 20.10 4.30 8.13
N ASP A 191 21.25 3.83 7.69
CA ASP A 191 22.44 4.67 7.69
C ASP A 191 22.18 5.93 6.88
N PRO A 192 22.42 7.14 7.43
CA PRO A 192 22.14 8.35 6.66
C PRO A 192 22.96 8.49 5.38
N ALA A 193 24.24 8.11 5.42
CA ALA A 193 25.04 8.17 4.19
C ALA A 193 24.48 7.22 3.13
N LEU A 194 24.11 6.01 3.53
CA LEU A 194 23.52 5.06 2.59
C LEU A 194 22.24 5.60 1.98
N ALA A 195 21.34 6.13 2.82
CA ALA A 195 20.12 6.73 2.31
C ALA A 195 20.44 7.84 1.31
N ALA A 196 21.36 8.72 1.65
CA ALA A 196 21.73 9.82 0.77
C ALA A 196 22.26 9.28 -0.55
N GLN A 197 23.07 8.22 -0.50
CA GLN A 197 23.61 7.66 -1.72
C GLN A 197 22.51 7.04 -2.57
N TYR A 198 21.61 6.26 -1.96
CA TYR A 198 20.49 5.67 -2.68
C TYR A 198 19.57 6.75 -3.23
N GLU A 199 19.34 7.81 -2.46
CA GLU A 199 18.53 8.92 -2.97
C GLU A 199 19.21 9.54 -4.20
N HIS A 200 20.51 9.74 -4.12
CA HIS A 200 21.26 10.28 -5.26
C HIS A 200 21.18 9.35 -6.46
N ASP A 201 21.35 8.05 -6.24
CA ASP A 201 21.32 7.11 -7.36
C ASP A 201 19.97 7.10 -8.05
N LEU A 202 18.88 7.25 -7.31
CA LEU A 202 17.58 7.28 -7.94
C LEU A 202 17.37 8.57 -8.72
N GLU A 203 17.79 9.69 -8.15
CA GLU A 203 17.65 10.96 -8.84
C GLU A 203 18.40 10.92 -10.17
N VAL A 204 19.65 10.43 -10.14
CA VAL A 204 20.43 10.35 -11.37
C VAL A 204 19.74 9.43 -12.37
N ALA A 205 19.24 8.29 -11.89
CA ALA A 205 18.56 7.37 -12.79
C ALA A 205 17.31 8.01 -13.41
N GLN A 206 16.59 8.81 -12.63
CA GLN A 206 15.36 9.39 -13.13
C GLN A 206 15.61 10.54 -14.10
N THR A 207 16.78 11.17 -14.03
CA THR A 207 17.03 12.37 -14.83
C THR A 207 18.03 12.14 -15.97
N THR A 208 18.73 11.03 -16.00
CA THR A 208 19.88 10.91 -16.89
C THR A 208 19.46 10.62 -18.33
N ALA A 209 20.18 11.23 -19.27
CA ALA A 209 19.93 11.00 -20.69
C ALA A 209 20.92 9.93 -21.20
N GLY B 7 -10.97 22.10 1.84
CA GLY B 7 -11.07 20.93 2.68
C GLY B 7 -11.65 19.74 1.95
N LEU B 8 -11.85 18.63 2.67
CA LEU B 8 -12.68 17.52 2.20
C LEU B 8 -14.14 17.72 2.58
N ASP B 9 -14.55 18.98 2.77
CA ASP B 9 -15.90 19.31 3.21
C ASP B 9 -16.96 18.75 2.26
N LYS B 10 -16.61 18.53 1.00
CA LYS B 10 -17.57 18.13 -0.02
C LYS B 10 -17.59 16.63 -0.26
N PHE B 11 -17.16 15.83 0.72
CA PHE B 11 -17.18 14.38 0.56
C PHE B 11 -18.49 13.80 1.08
N LYS B 12 -19.10 12.91 0.28
CA LYS B 12 -20.28 12.17 0.69
C LYS B 12 -20.23 10.77 0.09
N LYS B 13 -20.83 9.81 0.80
CA LYS B 13 -20.95 8.45 0.31
C LYS B 13 -22.24 8.29 -0.49
N PRO B 14 -22.29 7.32 -1.40
CA PRO B 14 -23.55 7.07 -2.12
C PRO B 14 -24.69 6.80 -1.16
N GLU B 15 -25.89 7.26 -1.56
CA GLU B 15 -27.06 7.09 -0.72
C GLU B 15 -27.29 5.62 -0.38
N GLY B 16 -27.41 5.33 0.91
CA GLY B 16 -27.69 3.99 1.35
C GLY B 16 -26.51 3.04 1.36
N SER B 17 -25.33 3.48 0.93
CA SER B 17 -24.16 2.60 1.00
C SER B 17 -23.78 2.35 2.46
N TRP B 18 -23.12 1.21 2.69
CA TRP B 18 -22.82 0.78 4.04
C TRP B 18 -21.42 0.16 4.06
N ASP B 19 -20.76 0.30 5.19
CA ASP B 19 -19.41 -0.22 5.38
C ASP B 19 -19.48 -1.59 6.05
N CYS B 20 -18.82 -2.55 5.44
CA CYS B 20 -18.71 -3.88 6.01
C CYS B 20 -17.97 -3.85 7.34
N GLU B 21 -18.61 -4.44 8.38
CA GLU B 21 -18.00 -4.44 9.69
C GLU B 21 -16.87 -5.46 9.81
N VAL B 22 -16.75 -6.38 8.86
CA VAL B 22 -15.70 -7.40 8.92
C VAL B 22 -14.45 -6.99 8.16
N CYS B 23 -14.59 -6.45 6.96
CA CYS B 23 -13.42 -6.13 6.15
C CYS B 23 -13.31 -4.66 5.72
N LEU B 24 -14.29 -3.82 6.09
CA LEU B 24 -14.34 -2.40 5.91
C LEU B 24 -14.64 -1.94 4.48
N VAL B 25 -14.91 -2.84 3.55
CA VAL B 25 -15.27 -2.45 2.19
C VAL B 25 -16.61 -1.75 2.16
N GLN B 26 -16.72 -0.71 1.31
CA GLN B 26 -17.99 -0.03 1.12
C GLN B 26 -18.87 -0.77 0.13
N ASN B 27 -20.12 -0.98 0.50
CA ASN B 27 -21.04 -1.75 -0.32
C ASN B 27 -22.24 -0.91 -0.69
N LYS B 28 -22.88 -1.31 -1.80
CA LYS B 28 -24.05 -0.67 -2.34
C LYS B 28 -25.28 -0.81 -1.46
N ALA B 29 -26.22 0.13 -1.63
CA ALA B 29 -27.41 0.13 -0.81
C ALA B 29 -28.23 -1.14 -0.96
N ASP B 30 -28.29 -1.70 -2.17
CA ASP B 30 -29.16 -2.84 -2.42
C ASP B 30 -28.47 -4.18 -2.15
N SER B 31 -27.19 -4.16 -1.84
CA SER B 31 -26.48 -5.39 -1.55
C SER B 31 -26.80 -5.84 -0.14
N THR B 32 -27.06 -7.13 0.01
CA THR B 32 -27.30 -7.70 1.32
C THR B 32 -26.07 -8.34 1.94
N LYS B 33 -25.03 -8.59 1.13
CA LYS B 33 -23.80 -9.22 1.58
C LYS B 33 -22.63 -8.40 1.06
N CYS B 34 -21.49 -8.54 1.71
CA CYS B 34 -20.31 -7.79 1.30
C CYS B 34 -19.74 -8.38 0.01
N ILE B 35 -19.46 -7.51 -0.97
CA ILE B 35 -18.97 -7.95 -2.26
C ILE B 35 -17.61 -8.62 -2.15
N ALA B 36 -16.84 -8.30 -1.12
CA ALA B 36 -15.51 -8.83 -0.96
C ALA B 36 -15.49 -10.07 -0.06
N CYS B 37 -15.99 -9.96 1.18
CA CYS B 37 -15.83 -11.02 2.16
C CYS B 37 -17.09 -11.84 2.35
N GLU B 38 -18.19 -11.44 1.70
CA GLU B 38 -19.47 -12.14 1.70
C GLU B 38 -20.18 -12.12 3.05
N SER B 39 -19.70 -11.30 4.00
CA SER B 39 -20.37 -11.17 5.28
C SER B 39 -21.70 -10.44 5.11
N ALA B 40 -22.65 -10.77 5.99
CA ALA B 40 -23.94 -10.11 5.96
C ALA B 40 -23.85 -8.63 6.32
N LYS B 41 -24.73 -7.84 5.72
CA LYS B 41 -24.80 -6.42 6.01
C LYS B 41 -25.06 -6.21 7.51
N PRO B 42 -24.31 -5.34 8.19
CA PRO B 42 -24.62 -5.11 9.60
C PRO B 42 -26.04 -4.54 9.75
#